data_4PWF
#
_entry.id   4PWF
#
_cell.length_a   43.070
_cell.length_b   84.989
_cell.length_c   64.614
_cell.angle_alpha   90.00
_cell.angle_beta   90.00
_cell.angle_gamma   90.00
#
_symmetry.space_group_name_H-M   'P 21 21 2'
#
loop_
_entity.id
_entity.type
_entity.pdbx_description
1 polymer Transthyretin
2 non-polymer '2-phenylethyl (2E)-3-(4-hydroxy-3-methoxyphenyl)prop-2-enoate'
3 water water
#
_entity_poly.entity_id   1
_entity_poly.type   'polypeptide(L)'
_entity_poly.pdbx_seq_one_letter_code
;MRGSHHHHHHGSMASHRLLLLCLAGLVFVSEAGPTGTGESKCPLMVKVLDAVRGSPAINVAMHVFRKAADDTWEPFASGK
TSESGELHGLTTEEEFVEGIYKVEIDTKSYWKALGISPFHEHAEVVFTANDSGPRRYTIAALLSPYSYSTTAVVTNPKE
;
_entity_poly.pdbx_strand_id   A,B
#
loop_
_chem_comp.id
_chem_comp.type
_chem_comp.name
_chem_comp.formula
PWF non-polymer '2-phenylethyl (2E)-3-(4-hydroxy-3-methoxyphenyl)prop-2-enoate' 'C18 H18 O4'
#
# COMPACT_ATOMS: atom_id res chain seq x y z
N CYS A 42 -16.95 3.27 -16.04
CA CYS A 42 -15.52 3.09 -15.87
C CYS A 42 -15.20 1.64 -15.56
N PRO A 43 -14.12 1.12 -16.16
CA PRO A 43 -13.53 -0.15 -15.72
C PRO A 43 -12.64 0.04 -14.49
N LEU A 44 -12.31 1.30 -14.17
CA LEU A 44 -11.47 1.55 -13.01
C LEU A 44 -11.94 2.81 -12.30
N MET A 45 -12.37 2.66 -11.05
CA MET A 45 -12.80 3.82 -10.27
C MET A 45 -12.16 3.76 -8.88
N VAL A 46 -11.84 4.91 -8.31
CA VAL A 46 -11.23 4.93 -6.98
C VAL A 46 -12.06 5.80 -6.06
N LYS A 47 -12.27 5.35 -4.83
CA LYS A 47 -13.03 6.08 -3.85
C LYS A 47 -12.21 6.23 -2.57
N VAL A 48 -12.15 7.43 -2.00
CA VAL A 48 -11.29 7.70 -0.86
C VAL A 48 -12.08 8.37 0.26
N LEU A 49 -12.00 7.82 1.46
CA LEU A 49 -12.71 8.37 2.62
C LEU A 49 -11.72 8.84 3.69
N ASP A 50 -12.10 9.87 4.42
CA ASP A 50 -11.31 10.42 5.52
C ASP A 50 -11.93 9.92 6.85
N ALA A 51 -11.20 9.08 7.58
CA ALA A 51 -11.70 8.49 8.82
C ALA A 51 -11.62 9.41 10.04
N VAL A 52 -10.98 10.58 9.88
CA VAL A 52 -10.87 11.54 10.99
C VAL A 52 -12.08 12.47 10.98
N ARG A 53 -12.48 12.86 9.79
CA ARG A 53 -13.57 13.80 9.66
C ARG A 53 -14.90 13.16 9.29
N GLY A 54 -14.87 11.87 8.92
CA GLY A 54 -16.09 11.19 8.48
C GLY A 54 -16.66 11.82 7.22
N SER A 55 -15.80 11.97 6.22
CA SER A 55 -16.20 12.66 5.01
C SER A 55 -15.50 11.98 3.85
N PRO A 56 -16.00 12.21 2.63
CA PRO A 56 -15.16 11.83 1.50
C PRO A 56 -13.85 12.62 1.59
N ALA A 57 -12.79 12.03 1.06
CA ALA A 57 -11.51 12.72 0.98
C ALA A 57 -11.46 13.41 -0.39
N ILE A 58 -11.58 14.73 -0.37
CA ILE A 58 -11.80 15.53 -1.57
C ILE A 58 -10.47 16.06 -2.09
N ASN A 59 -10.33 16.12 -3.41
CA ASN A 59 -9.12 16.69 -4.05
C ASN A 59 -7.85 15.89 -3.72
N VAL A 60 -7.99 14.58 -3.55
CA VAL A 60 -6.82 13.71 -3.35
C VAL A 60 -6.27 13.33 -4.72
N ALA A 61 -5.00 13.65 -4.94
CA ALA A 61 -4.36 13.32 -6.22
C ALA A 61 -3.93 11.87 -6.24
N MET A 62 -3.99 11.25 -7.42
CA MET A 62 -3.41 9.93 -7.58
C MET A 62 -2.91 9.70 -8.99
N HIS A 63 -1.93 8.81 -9.09
CA HIS A 63 -1.34 8.44 -10.38
C HIS A 63 -1.41 6.94 -10.56
N VAL A 64 -1.79 6.52 -11.76
CA VAL A 64 -1.84 5.10 -12.09
C VAL A 64 -0.72 4.79 -13.07
N PHE A 65 -0.02 3.68 -12.82
CA PHE A 65 1.07 3.22 -13.67
C PHE A 65 0.78 1.79 -14.11
N ARG A 66 1.36 1.41 -15.24
CA ARG A 66 1.21 0.05 -15.73
C ARG A 66 2.59 -0.51 -15.97
N LYS A 67 2.82 -1.76 -15.58
CA LYS A 67 4.16 -2.32 -15.71
C LYS A 67 4.43 -2.64 -17.20
N ALA A 68 5.53 -2.11 -17.71
CA ALA A 68 5.87 -2.30 -19.12
C ALA A 68 6.65 -3.60 -19.34
N ALA A 69 6.89 -3.94 -20.60
CA ALA A 69 7.58 -5.17 -20.96
C ALA A 69 8.98 -5.26 -20.34
N ASP A 70 9.62 -4.11 -20.17
CA ASP A 70 10.96 -4.06 -19.59
C ASP A 70 10.93 -3.89 -18.08
N ASP A 71 9.78 -4.21 -17.49
CA ASP A 71 9.58 -4.14 -16.03
C ASP A 71 9.69 -2.73 -15.44
N THR A 72 9.54 -1.70 -16.27
CA THR A 72 9.46 -0.33 -15.78
C THR A 72 8.01 0.07 -15.55
N TRP A 73 7.76 0.91 -14.56
CA TRP A 73 6.43 1.50 -14.38
C TRP A 73 6.23 2.64 -15.38
N GLU A 74 5.26 2.49 -16.27
CA GLU A 74 4.91 3.54 -17.21
C GLU A 74 3.69 4.29 -16.73
N PRO A 75 3.70 5.62 -16.84
CA PRO A 75 2.49 6.38 -16.52
C PRO A 75 1.31 5.89 -17.36
N PHE A 76 0.12 5.79 -16.74
CA PHE A 76 -1.06 5.27 -17.41
C PHE A 76 -2.21 6.27 -17.33
N ALA A 77 -2.44 6.82 -16.14
CA ALA A 77 -3.51 7.80 -15.95
C ALA A 77 -3.33 8.52 -14.62
N SER A 78 -4.00 9.65 -14.47
CA SER A 78 -3.95 10.35 -13.20
C SER A 78 -5.17 11.24 -13.05
N GLY A 79 -5.43 11.72 -11.84
CA GLY A 79 -6.60 12.53 -11.57
C GLY A 79 -6.73 12.86 -10.09
N LYS A 80 -7.79 13.58 -9.73
CA LYS A 80 -8.04 13.95 -8.34
C LYS A 80 -9.46 13.58 -7.95
N THR A 81 -9.69 13.23 -6.68
CA THR A 81 -11.05 12.87 -6.27
C THR A 81 -11.95 14.10 -6.26
N SER A 82 -13.21 13.87 -6.57
CA SER A 82 -14.24 14.91 -6.58
C SER A 82 -14.74 15.20 -5.17
N GLU A 83 -15.77 16.03 -5.07
CA GLU A 83 -16.37 16.33 -3.77
C GLU A 83 -17.02 15.10 -3.14
N SER A 84 -17.26 14.06 -3.93
CA SER A 84 -17.83 12.84 -3.37
C SER A 84 -16.73 11.85 -3.00
N GLY A 85 -15.48 12.26 -3.17
CA GLY A 85 -14.34 11.44 -2.83
C GLY A 85 -14.04 10.41 -3.88
N GLU A 86 -14.66 10.58 -5.06
CA GLU A 86 -14.53 9.58 -6.12
C GLU A 86 -13.71 10.11 -7.31
N LEU A 87 -13.00 9.20 -7.96
CA LEU A 87 -12.32 9.55 -9.20
C LEU A 87 -12.77 8.60 -10.28
N HIS A 88 -13.47 9.14 -11.28
CA HIS A 88 -14.01 8.35 -12.38
C HIS A 88 -13.28 8.71 -13.65
N GLY A 89 -13.39 7.86 -14.66
CA GLY A 89 -12.92 8.18 -16.00
C GLY A 89 -11.42 8.13 -16.19
N LEU A 90 -10.74 7.34 -15.37
CA LEU A 90 -9.30 7.20 -15.47
C LEU A 90 -8.93 6.52 -16.79
N THR A 91 -9.76 5.58 -17.23
CA THR A 91 -9.43 4.81 -18.43
C THR A 91 -10.67 4.31 -19.18
N THR A 92 -10.45 3.55 -20.24
CA THR A 92 -11.54 2.94 -21.00
C THR A 92 -11.33 1.44 -21.11
N GLU A 93 -12.38 0.72 -21.46
CA GLU A 93 -12.29 -0.73 -21.60
C GLU A 93 -11.23 -1.14 -22.61
N GLU A 94 -11.08 -0.35 -23.69
CA GLU A 94 -10.13 -0.69 -24.75
C GLU A 94 -8.69 -0.49 -24.29
N GLU A 95 -8.44 0.63 -23.61
CA GLU A 95 -7.11 0.96 -23.12
C GLU A 95 -6.66 0.14 -21.90
N PHE A 96 -7.63 -0.27 -21.08
CA PHE A 96 -7.33 -0.97 -19.83
C PHE A 96 -7.10 -2.46 -20.08
N VAL A 97 -5.96 -2.77 -20.70
CA VAL A 97 -5.64 -4.13 -21.10
C VAL A 97 -5.13 -4.93 -19.90
N GLU A 98 -4.92 -6.23 -20.09
CA GLU A 98 -4.26 -7.06 -19.07
C GLU A 98 -2.94 -6.44 -18.66
N GLY A 99 -2.59 -6.56 -17.38
CA GLY A 99 -1.27 -6.13 -16.95
C GLY A 99 -1.23 -5.92 -15.45
N ILE A 100 -0.09 -5.51 -14.95
CA ILE A 100 0.04 -5.16 -13.54
C ILE A 100 -0.03 -3.65 -13.40
N TYR A 101 -0.92 -3.18 -12.53
CA TYR A 101 -1.18 -1.76 -12.38
C TYR A 101 -0.85 -1.30 -10.98
N LYS A 102 -0.44 -0.05 -10.86
CA LYS A 102 -0.12 0.51 -9.56
C LYS A 102 -0.88 1.81 -9.42
N VAL A 103 -1.69 1.93 -8.37
CA VAL A 103 -2.37 3.19 -8.08
C VAL A 103 -1.68 3.83 -6.90
N GLU A 104 -1.08 4.99 -7.12
N GLU A 104 -1.10 5.00 -7.12
CA GLU A 104 -0.36 5.70 -6.08
CA GLU A 104 -0.36 5.70 -6.07
C GLU A 104 -1.16 6.89 -5.60
C GLU A 104 -1.17 6.89 -5.59
N ILE A 105 -1.73 6.79 -4.39
CA ILE A 105 -2.59 7.84 -3.87
C ILE A 105 -1.80 8.80 -2.99
N ASP A 106 -1.83 10.09 -3.30
CA ASP A 106 -1.01 11.05 -2.55
C ASP A 106 -1.68 11.47 -1.26
N THR A 107 -1.64 10.57 -0.28
CA THR A 107 -2.27 10.82 0.99
C THR A 107 -1.52 11.84 1.82
N LYS A 108 -0.21 11.95 1.62
CA LYS A 108 0.58 12.88 2.43
C LYS A 108 0.19 14.34 2.19
N SER A 109 0.03 14.73 0.92
CA SER A 109 -0.38 16.09 0.58
C SER A 109 -1.78 16.38 1.12
N TYR A 110 -2.65 15.37 1.09
CA TYR A 110 -3.97 15.48 1.67
C TYR A 110 -3.91 15.86 3.16
N TRP A 111 -3.18 15.07 3.94
CA TRP A 111 -3.11 15.32 5.38
C TRP A 111 -2.40 16.63 5.71
N LYS A 112 -1.36 16.95 4.94
CA LYS A 112 -0.59 18.18 5.18
C LYS A 112 -1.46 19.41 5.03
N ALA A 113 -2.31 19.40 4.01
CA ALA A 113 -3.22 20.52 3.74
C ALA A 113 -4.26 20.67 4.85
N LEU A 114 -4.44 19.63 5.65
CA LEU A 114 -5.34 19.70 6.79
C LEU A 114 -4.57 19.97 8.08
N GLY A 115 -3.28 20.24 7.95
CA GLY A 115 -2.44 20.59 9.10
C GLY A 115 -1.86 19.40 9.84
N ILE A 116 -1.99 18.22 9.23
CA ILE A 116 -1.58 16.98 9.87
C ILE A 116 -0.33 16.40 9.20
N SER A 117 0.64 15.99 10.03
CA SER A 117 1.83 15.31 9.53
C SER A 117 1.62 13.81 9.62
N PRO A 118 1.37 13.15 8.47
CA PRO A 118 0.98 11.75 8.53
C PRO A 118 2.18 10.81 8.48
N PHE A 119 1.95 9.54 8.72
CA PHE A 119 3.03 8.55 8.69
C PHE A 119 3.43 8.20 7.27
N HIS A 120 2.46 7.88 6.44
CA HIS A 120 2.77 7.36 5.11
C HIS A 120 3.08 8.43 4.08
N GLU A 121 3.98 8.11 3.15
CA GLU A 121 4.24 9.00 2.02
C GLU A 121 3.07 8.99 1.05
N HIS A 122 2.52 7.80 0.85
CA HIS A 122 1.36 7.63 -0.01
C HIS A 122 0.74 6.28 0.29
N ALA A 123 -0.42 6.02 -0.27
CA ALA A 123 -1.01 4.70 -0.21
C ALA A 123 -0.90 4.10 -1.59
N GLU A 124 -0.36 2.88 -1.67
CA GLU A 124 -0.15 2.24 -2.96
C GLU A 124 -1.04 1.01 -3.10
N VAL A 125 -1.57 0.79 -4.29
CA VAL A 125 -2.35 -0.41 -4.56
C VAL A 125 -1.79 -1.02 -5.84
N VAL A 126 -1.24 -2.22 -5.75
CA VAL A 126 -0.65 -2.90 -6.92
C VAL A 126 -1.37 -4.21 -7.18
N PHE A 127 -1.79 -4.43 -8.42
CA PHE A 127 -2.63 -5.58 -8.71
C PHE A 127 -2.57 -5.98 -10.16
N THR A 128 -2.79 -7.26 -10.44
CA THR A 128 -2.95 -7.70 -11.82
C THR A 128 -4.40 -7.51 -12.23
N ALA A 129 -4.63 -6.88 -13.38
CA ALA A 129 -5.98 -6.62 -13.85
C ALA A 129 -6.30 -7.38 -15.13
N ASN A 130 -7.55 -7.79 -15.25
CA ASN A 130 -8.11 -8.37 -16.49
C ASN A 130 -7.47 -9.68 -16.93
N ASP A 131 -6.86 -10.39 -16.00
CA ASP A 131 -6.12 -11.60 -16.31
C ASP A 131 -7.02 -12.72 -16.88
N SER A 132 -8.30 -12.67 -16.54
CA SER A 132 -9.27 -13.66 -17.05
C SER A 132 -10.36 -13.00 -17.88
N GLY A 133 -10.02 -11.89 -18.53
CA GLY A 133 -11.01 -11.12 -19.27
C GLY A 133 -11.30 -9.83 -18.52
N PRO A 134 -12.01 -8.89 -19.18
CA PRO A 134 -12.30 -7.57 -18.62
C PRO A 134 -13.10 -7.66 -17.33
N ARG A 135 -12.68 -6.92 -16.31
CA ARG A 135 -13.48 -6.75 -15.10
C ARG A 135 -13.66 -5.26 -14.85
N ARG A 136 -14.55 -4.92 -13.93
CA ARG A 136 -14.65 -3.56 -13.45
C ARG A 136 -14.08 -3.52 -12.04
N TYR A 137 -13.22 -2.55 -11.78
CA TYR A 137 -12.51 -2.49 -10.50
C TYR A 137 -12.86 -1.21 -9.78
N THR A 138 -13.32 -1.35 -8.54
CA THR A 138 -13.46 -0.21 -7.67
C THR A 138 -12.44 -0.38 -6.56
N ILE A 139 -11.54 0.59 -6.43
N ILE A 139 -11.55 0.60 -6.43
CA ILE A 139 -10.55 0.57 -5.36
CA ILE A 139 -10.55 0.61 -5.37
C ILE A 139 -11.02 1.56 -4.29
C ILE A 139 -11.04 1.57 -4.29
N ALA A 140 -11.19 1.09 -3.07
CA ALA A 140 -11.63 1.98 -1.98
C ALA A 140 -10.50 2.15 -1.00
N ALA A 141 -10.25 3.39 -0.57
CA ALA A 141 -9.20 3.64 0.40
C ALA A 141 -9.79 4.42 1.57
N LEU A 142 -9.48 3.99 2.79
CA LEU A 142 -9.93 4.69 3.99
C LEU A 142 -8.69 5.22 4.71
N LEU A 143 -8.67 6.54 4.96
CA LEU A 143 -7.45 7.19 5.42
C LEU A 143 -7.50 7.72 6.85
N SER A 144 -6.46 7.38 7.63
CA SER A 144 -6.19 8.02 8.91
C SER A 144 -4.74 8.48 8.89
N PRO A 145 -4.36 9.40 9.78
CA PRO A 145 -2.97 9.91 9.69
C PRO A 145 -1.91 8.83 9.84
N TYR A 146 -2.14 7.83 10.70
CA TYR A 146 -1.15 6.76 10.87
C TYR A 146 -1.61 5.41 10.39
N SER A 147 -2.64 5.35 9.55
CA SER A 147 -3.17 4.07 9.13
C SER A 147 -3.95 4.24 7.84
N TYR A 148 -3.96 3.23 6.98
CA TYR A 148 -4.94 3.25 5.90
C TYR A 148 -5.35 1.83 5.55
N SER A 149 -6.52 1.69 4.93
CA SER A 149 -6.90 0.39 4.45
C SER A 149 -7.28 0.55 2.99
N THR A 150 -7.15 -0.53 2.24
CA THR A 150 -7.56 -0.48 0.85
C THR A 150 -8.27 -1.76 0.53
N THR A 151 -9.39 -1.65 -0.17
CA THR A 151 -10.16 -2.82 -0.56
CA THR A 151 -10.11 -2.84 -0.57
C THR A 151 -10.45 -2.73 -2.05
N ALA A 152 -10.67 -3.87 -2.68
CA ALA A 152 -11.02 -3.87 -4.09
C ALA A 152 -12.36 -4.54 -4.21
N VAL A 153 -13.23 -3.94 -5.00
CA VAL A 153 -14.48 -4.58 -5.40
C VAL A 153 -14.35 -4.87 -6.90
N VAL A 154 -14.47 -6.14 -7.27
CA VAL A 154 -14.23 -6.55 -8.65
C VAL A 154 -15.49 -7.23 -9.16
N THR A 155 -16.04 -6.73 -10.26
CA THR A 155 -17.30 -7.25 -10.77
C THR A 155 -17.17 -7.58 -12.24
N ASN A 156 -17.91 -8.59 -12.69
CA ASN A 156 -17.86 -8.96 -14.10
C ASN A 156 -18.91 -8.19 -14.89
N CYS B 42 15.45 -2.63 18.94
CA CYS B 42 14.67 -2.91 17.74
C CYS B 42 13.92 -1.65 17.31
N PRO B 43 14.53 -0.84 16.44
CA PRO B 43 13.89 0.41 16.01
C PRO B 43 12.79 0.18 14.98
N LEU B 44 12.78 -1.00 14.35
CA LEU B 44 11.80 -1.31 13.31
C LEU B 44 11.32 -2.74 13.39
N MET B 45 10.02 -2.92 13.64
CA MET B 45 9.45 -4.25 13.75
C MET B 45 8.19 -4.30 12.89
N VAL B 46 7.89 -5.47 12.34
CA VAL B 46 6.67 -5.64 11.53
C VAL B 46 5.82 -6.78 12.09
N LYS B 47 4.51 -6.56 12.16
CA LYS B 47 3.59 -7.57 12.64
C LYS B 47 2.52 -7.77 11.58
N VAL B 48 2.26 -9.03 11.21
CA VAL B 48 1.26 -9.32 10.17
C VAL B 48 0.20 -10.30 10.70
N LEU B 49 -1.07 -9.95 10.49
CA LEU B 49 -2.18 -10.78 10.93
C LEU B 49 -3.02 -11.22 9.75
N ASP B 50 -3.65 -12.38 9.86
CA ASP B 50 -4.46 -12.98 8.81
C ASP B 50 -5.92 -12.87 9.27
N ALA B 51 -6.70 -12.08 8.54
CA ALA B 51 -8.10 -11.79 8.90
C ALA B 51 -9.10 -12.87 8.46
N VAL B 52 -8.65 -13.82 7.64
CA VAL B 52 -9.50 -14.91 7.19
C VAL B 52 -9.49 -16.03 8.22
N ARG B 53 -8.31 -16.30 8.75
CA ARG B 53 -8.16 -17.41 9.68
C ARG B 53 -8.04 -16.97 11.14
N GLY B 54 -7.94 -15.67 11.39
CA GLY B 54 -7.81 -15.17 12.76
C GLY B 54 -6.53 -15.60 13.44
N SER B 55 -5.40 -15.38 12.78
CA SER B 55 -4.14 -15.91 13.25
C SER B 55 -3.02 -14.97 12.87
N PRO B 56 -1.85 -15.16 13.48
CA PRO B 56 -0.71 -14.47 12.88
C PRO B 56 -0.49 -14.98 11.47
N ALA B 57 0.00 -14.12 10.60
CA ALA B 57 0.35 -14.55 9.26
C ALA B 57 1.81 -14.96 9.30
N ILE B 58 2.04 -16.27 9.21
CA ILE B 58 3.34 -16.90 9.47
C ILE B 58 4.09 -17.11 8.15
N ASN B 59 5.42 -16.98 8.21
CA ASN B 59 6.28 -17.19 7.04
C ASN B 59 5.99 -16.22 5.89
N VAL B 60 5.58 -15.01 6.24
CA VAL B 60 5.35 -13.98 5.25
C VAL B 60 6.65 -13.24 4.99
N ALA B 61 7.12 -13.29 3.74
CA ALA B 61 8.35 -12.64 3.36
C ALA B 61 8.15 -11.16 3.10
N MET B 62 9.14 -10.37 3.47
CA MET B 62 9.09 -8.96 3.13
C MET B 62 10.49 -8.41 2.93
N HIS B 63 10.58 -7.35 2.14
CA HIS B 63 11.84 -6.64 1.92
C HIS B 63 11.67 -5.20 2.31
N VAL B 64 12.71 -4.62 2.90
CA VAL B 64 12.71 -3.21 3.27
C VAL B 64 13.71 -2.49 2.38
N PHE B 65 13.29 -1.40 1.78
CA PHE B 65 14.15 -0.62 0.90
C PHE B 65 14.32 0.78 1.47
N ARG B 66 15.47 1.39 1.23
CA ARG B 66 15.68 2.80 1.56
C ARG B 66 15.82 3.63 0.27
N LYS B 67 15.21 4.81 0.24
CA LYS B 67 15.26 5.63 -0.95
C LYS B 67 16.66 6.19 -1.15
N ALA B 68 17.22 5.96 -2.34
CA ALA B 68 18.55 6.48 -2.67
C ALA B 68 18.45 7.84 -3.36
N ALA B 69 19.56 8.58 -3.37
CA ALA B 69 19.61 9.90 -3.97
C ALA B 69 19.28 9.89 -5.46
N ASP B 70 19.47 8.75 -6.09
CA ASP B 70 19.16 8.59 -7.52
C ASP B 70 17.68 8.28 -7.74
N ASP B 71 16.88 8.48 -6.69
CA ASP B 71 15.43 8.22 -6.71
C ASP B 71 15.07 6.74 -6.78
N THR B 72 16.05 5.86 -6.55
CA THR B 72 15.80 4.42 -6.61
C THR B 72 15.72 3.78 -5.23
N TRP B 73 15.08 2.61 -5.18
CA TRP B 73 14.94 1.87 -3.93
C TRP B 73 16.10 0.90 -3.71
N GLU B 74 16.95 1.18 -2.72
CA GLU B 74 18.04 0.27 -2.38
C GLU B 74 17.61 -0.72 -1.32
N PRO B 75 17.85 -2.01 -1.57
CA PRO B 75 17.71 -3.06 -0.56
C PRO B 75 18.35 -2.62 0.76
N PHE B 76 17.66 -2.87 1.87
CA PHE B 76 18.09 -2.44 3.19
C PHE B 76 18.07 -3.61 4.18
N ALA B 77 16.94 -4.33 4.23
CA ALA B 77 16.78 -5.48 5.11
C ALA B 77 15.68 -6.39 4.56
N SER B 78 15.58 -7.60 5.10
CA SER B 78 14.47 -8.50 4.77
C SER B 78 14.37 -9.65 5.75
N GLY B 79 13.28 -10.41 5.65
CA GLY B 79 13.07 -11.58 6.48
C GLY B 79 11.69 -12.14 6.25
N LYS B 80 11.32 -13.15 7.03
CA LYS B 80 9.93 -13.59 7.04
C LYS B 80 9.37 -13.62 8.45
N THR B 81 8.06 -13.43 8.55
CA THR B 81 7.43 -13.44 9.87
C THR B 81 7.57 -14.80 10.56
N SER B 82 7.69 -14.74 11.89
CA SER B 82 7.80 -15.91 12.73
C SER B 82 6.43 -16.55 12.96
N GLU B 83 6.39 -17.55 13.84
CA GLU B 83 5.13 -18.19 14.23
C GLU B 83 4.17 -17.21 14.90
N SER B 84 4.68 -16.08 15.36
CA SER B 84 3.82 -15.13 16.07
C SER B 84 3.44 -14.00 15.12
N GLY B 85 3.79 -14.16 13.85
CA GLY B 85 3.50 -13.17 12.82
C GLY B 85 4.38 -11.93 12.89
N GLU B 86 5.49 -12.00 13.61
CA GLU B 86 6.34 -10.83 13.78
C GLU B 86 7.69 -10.98 13.11
N LEU B 87 8.25 -9.87 12.66
CA LEU B 87 9.61 -9.88 12.12
C LEU B 87 10.43 -8.83 12.86
N HIS B 88 11.44 -9.30 13.59
CA HIS B 88 12.29 -8.44 14.42
C HIS B 88 13.70 -8.44 13.85
N GLY B 89 14.54 -7.57 14.40
CA GLY B 89 15.95 -7.57 14.06
C GLY B 89 16.26 -7.16 12.64
N LEU B 90 15.38 -6.35 12.05
CA LEU B 90 15.59 -5.89 10.70
C LEU B 90 16.75 -4.90 10.58
N THR B 91 16.93 -4.09 11.62
CA THR B 91 17.97 -3.07 11.60
C THR B 91 18.41 -2.68 13.01
N THR B 92 19.40 -1.77 13.08
CA THR B 92 19.90 -1.30 14.38
C THR B 92 19.73 0.21 14.41
N GLU B 93 19.76 0.79 15.59
CA GLU B 93 19.56 2.24 15.69
C GLU B 93 20.63 3.05 14.96
N GLU B 94 21.88 2.58 14.98
CA GLU B 94 22.94 3.26 14.25
C GLU B 94 22.67 3.28 12.74
N GLU B 95 22.13 2.18 12.23
CA GLU B 95 21.93 2.00 10.79
C GLU B 95 20.63 2.68 10.32
N PHE B 96 19.65 2.74 11.21
CA PHE B 96 18.33 3.25 10.87
C PHE B 96 18.30 4.77 10.97
N VAL B 97 18.83 5.43 9.94
CA VAL B 97 18.87 6.88 9.90
C VAL B 97 17.64 7.42 9.22
N GLU B 98 17.46 8.74 9.29
CA GLU B 98 16.34 9.40 8.64
C GLU B 98 16.38 9.18 7.14
N GLY B 99 15.19 9.09 6.54
CA GLY B 99 15.08 8.83 5.12
C GLY B 99 13.72 8.25 4.81
N ILE B 100 13.51 7.88 3.55
CA ILE B 100 12.25 7.28 3.15
C ILE B 100 12.45 5.79 2.99
N TYR B 101 11.57 5.02 3.62
CA TYR B 101 11.68 3.57 3.61
C TYR B 101 10.44 2.96 2.99
N LYS B 102 10.63 1.82 2.33
CA LYS B 102 9.53 1.07 1.74
C LYS B 102 9.60 -0.35 2.30
N VAL B 103 8.51 -0.82 2.90
CA VAL B 103 8.40 -2.22 3.30
C VAL B 103 7.47 -2.88 2.29
N GLU B 104 8.00 -3.86 1.57
N GLU B 104 8.00 -3.86 1.57
CA GLU B 104 7.23 -4.58 0.57
CA GLU B 104 7.23 -4.58 0.57
C GLU B 104 6.92 -5.99 1.06
C GLU B 104 6.92 -5.99 1.06
N ILE B 105 5.66 -6.21 1.43
CA ILE B 105 5.23 -7.47 2.03
C ILE B 105 4.66 -8.41 0.98
N ASP B 106 5.21 -9.62 0.84
CA ASP B 106 4.77 -10.52 -0.23
C ASP B 106 3.48 -11.23 0.16
N THR B 107 2.37 -10.50 0.12
CA THR B 107 1.08 -11.05 0.50
C THR B 107 0.56 -12.04 -0.53
N LYS B 108 0.92 -11.84 -1.79
CA LYS B 108 0.40 -12.72 -2.84
C LYS B 108 0.84 -14.17 -2.62
N SER B 109 2.13 -14.38 -2.29
CA SER B 109 2.64 -15.72 -2.04
C SER B 109 2.00 -16.34 -0.82
N TYR B 110 1.67 -15.51 0.17
CA TYR B 110 1.02 -15.98 1.37
C TYR B 110 -0.36 -16.56 1.03
N TRP B 111 -1.16 -15.81 0.28
CA TRP B 111 -2.50 -16.30 -0.05
C TRP B 111 -2.43 -17.51 -0.98
N LYS B 112 -1.47 -17.50 -1.91
CA LYS B 112 -1.30 -18.65 -2.81
C LYS B 112 -0.99 -19.93 -2.04
N ALA B 113 -0.12 -19.84 -1.03
CA ALA B 113 0.19 -21.00 -0.20
C ALA B 113 -1.06 -21.56 0.50
N LEU B 114 -2.04 -20.70 0.79
CA LEU B 114 -3.26 -21.13 1.45
C LEU B 114 -4.35 -21.51 0.44
N GLY B 115 -4.05 -21.41 -0.84
CA GLY B 115 -5.02 -21.76 -1.87
C GLY B 115 -6.13 -20.75 -2.07
N ILE B 116 -5.86 -19.50 -1.73
CA ILE B 116 -6.87 -18.46 -1.85
C ILE B 116 -6.42 -17.39 -2.84
N SER B 117 -7.28 -17.05 -3.79
CA SER B 117 -6.92 -16.10 -4.83
C SER B 117 -6.94 -14.66 -4.31
N PRO B 118 -5.80 -13.97 -4.37
CA PRO B 118 -5.73 -12.62 -3.76
C PRO B 118 -5.80 -11.52 -4.80
N PHE B 119 -6.11 -10.31 -4.37
CA PHE B 119 -6.19 -9.19 -5.30
C PHE B 119 -4.84 -8.53 -5.52
N HIS B 120 -4.16 -8.23 -4.43
CA HIS B 120 -2.94 -7.43 -4.49
C HIS B 120 -1.71 -8.24 -4.83
N GLU B 121 -0.78 -7.61 -5.53
CA GLU B 121 0.52 -8.22 -5.82
C GLU B 121 1.35 -8.32 -4.55
N HIS B 122 1.25 -7.28 -3.73
CA HIS B 122 1.92 -7.23 -2.44
C HIS B 122 1.30 -6.07 -1.69
N ALA B 123 1.74 -5.90 -0.45
CA ALA B 123 1.34 -4.74 0.33
C ALA B 123 2.57 -3.89 0.56
N GLU B 124 2.47 -2.60 0.28
CA GLU B 124 3.59 -1.71 0.44
C GLU B 124 3.29 -0.70 1.54
N VAL B 125 4.30 -0.37 2.32
CA VAL B 125 4.19 0.67 3.33
C VAL B 125 5.37 1.60 3.08
N VAL B 126 5.11 2.83 2.67
CA VAL B 126 6.17 3.77 2.38
C VAL B 126 6.07 4.93 3.34
N PHE B 127 7.16 5.22 4.05
CA PHE B 127 7.09 6.23 5.11
C PHE B 127 8.41 6.95 5.27
N THR B 128 8.37 8.14 5.87
CA THR B 128 9.60 8.86 6.23
C THR B 128 9.91 8.57 7.69
N ALA B 129 11.14 8.13 7.97
CA ALA B 129 11.50 7.71 9.30
C ALA B 129 12.23 8.81 10.05
N ASN B 130 11.98 8.86 11.37
CA ASN B 130 12.80 9.61 12.31
C ASN B 130 12.91 11.11 12.08
N ASP B 131 12.00 11.69 11.30
CA ASP B 131 12.03 13.13 11.07
C ASP B 131 11.92 13.96 12.37
N SER B 132 11.71 13.25 13.48
CA SER B 132 11.77 13.83 14.82
C SER B 132 12.94 13.23 15.60
N GLY B 133 13.84 12.55 14.90
CA GLY B 133 14.88 11.75 15.55
C GLY B 133 14.36 10.35 15.84
N PRO B 134 15.28 9.40 16.12
CA PRO B 134 14.96 8.02 16.49
C PRO B 134 13.92 7.82 17.61
N ARG B 135 12.87 7.08 17.26
CA ARG B 135 11.87 6.59 18.20
C ARG B 135 11.82 5.07 17.98
N ARG B 136 10.66 4.43 18.09
CA ARG B 136 10.56 3.01 17.71
C ARG B 136 9.36 2.83 16.78
N TYR B 137 9.51 2.02 15.74
CA TYR B 137 8.43 1.87 14.76
C TYR B 137 7.91 0.45 14.73
N THR B 138 6.60 0.29 14.94
CA THR B 138 5.98 -0.99 14.70
C THR B 138 4.99 -0.80 13.56
N ILE B 139 5.18 -1.56 12.49
CA ILE B 139 4.26 -1.52 11.37
C ILE B 139 3.38 -2.75 11.46
N ALA B 140 2.07 -2.55 11.52
CA ALA B 140 1.18 -3.71 11.59
C ALA B 140 0.39 -3.79 10.29
N ALA B 141 0.18 -5.00 9.81
CA ALA B 141 -0.60 -5.17 8.60
C ALA B 141 -1.61 -6.27 8.85
N LEU B 142 -2.85 -6.01 8.47
CA LEU B 142 -3.94 -6.96 8.64
C LEU B 142 -4.37 -7.35 7.23
N LEU B 143 -4.31 -8.64 6.93
CA LEU B 143 -4.45 -9.09 5.54
C LEU B 143 -5.75 -9.85 5.29
N SER B 144 -6.43 -9.48 4.21
CA SER B 144 -7.55 -10.27 3.66
C SER B 144 -7.25 -10.44 2.17
N PRO B 145 -7.92 -11.39 1.49
CA PRO B 145 -7.56 -11.59 0.08
C PRO B 145 -7.76 -10.38 -0.81
N TYR B 146 -8.80 -9.58 -0.56
CA TYR B 146 -9.09 -8.42 -1.38
C TYR B 146 -8.98 -7.09 -0.65
N SER B 147 -8.33 -7.11 0.51
CA SER B 147 -8.19 -5.91 1.31
C SER B 147 -6.98 -6.02 2.22
N TYR B 148 -6.31 -4.91 2.48
CA TYR B 148 -5.37 -4.90 3.59
C TYR B 148 -5.40 -3.57 4.32
N SER B 149 -5.02 -3.60 5.59
CA SER B 149 -4.89 -2.39 6.39
CA SER B 149 -4.86 -2.36 6.33
C SER B 149 -3.47 -2.36 6.94
N THR B 150 -2.91 -1.17 7.07
CA THR B 150 -1.61 -1.04 7.70
C THR B 150 -1.62 0.17 8.63
N THR B 151 -0.98 0.01 9.79
CA THR B 151 -0.98 1.06 10.78
C THR B 151 0.41 1.12 11.36
N ALA B 152 0.83 2.30 11.76
CA ALA B 152 2.13 2.46 12.37
C ALA B 152 1.90 2.79 13.83
N VAL B 153 2.67 2.14 14.70
CA VAL B 153 2.70 2.54 16.10
C VAL B 153 4.09 3.08 16.35
N VAL B 154 4.16 4.37 16.71
CA VAL B 154 5.45 5.04 16.84
C VAL B 154 5.58 5.48 18.28
N THR B 155 6.56 4.91 19.00
CA THR B 155 6.67 5.13 20.44
C THR B 155 8.11 5.41 20.86
CAA PWF C . -10.71 0.14 2.41
OAP PWF C . -11.29 1.24 3.10
CAV PWF C . -12.64 1.13 3.33
CAM PWF C . -13.57 1.83 2.59
CAT PWF C . -13.05 0.29 4.38
OAC PWF C . -12.08 -0.37 5.08
CAL PWF C . -14.40 0.15 4.67
CAK PWF C . -15.34 0.83 3.92
CAS PWF C . -14.93 1.67 2.89
CAE PWF C . -15.87 2.35 2.14
CAD PWF C . -16.29 1.60 0.89
CAR PWF C . -17.34 2.30 0.03
OAB PWF C . -17.79 3.41 0.36
OAQ PWF C . -17.70 1.62 -1.08
CAN PWF C . -16.61 1.60 -2.00
CAO PWF C . -16.62 0.30 -2.83
CAU PWF C . -17.75 0.23 -3.63
CAI PWF C . -18.44 1.37 -4.03
CAG PWF C . -19.57 1.27 -4.84
CAF PWF C . -20.02 0.01 -5.23
CAH PWF C . -19.34 -1.13 -4.84
CAJ PWF C . -18.21 -1.01 -4.04
CAA PWF D . -3.27 -2.60 10.39
OAP PWF D . -4.44 -3.40 10.45
CAV PWF D . -4.72 -3.69 11.75
CAM PWF D . -3.85 -4.38 12.59
CAT PWF D . -5.95 -3.23 12.22
OAC PWF D . -6.74 -2.56 11.34
CAL PWF D . -6.35 -3.47 13.53
CAK PWF D . -5.48 -4.16 14.38
CAS PWF D . -4.25 -4.61 13.91
CAE PWF D . -3.42 -5.31 14.79
CAD PWF D . -2.47 -4.48 15.63
CAR PWF D . -1.62 -5.34 16.58
OAB PWF D . -1.78 -6.55 16.59
OAQ PWF D . -0.76 -4.65 17.38
CAN PWF D . 0.29 -3.95 16.71
CAO PWF D . 0.72 -2.76 17.58
CAU PWF D . 1.90 -3.01 18.28
CAI PWF D . 2.50 -4.26 18.26
CAG PWF D . 3.67 -4.49 18.96
CAF PWF D . 4.26 -3.47 19.69
CAH PWF D . 3.67 -2.20 19.72
CAJ PWF D . 2.49 -1.98 19.01
#